data_4EF2
#
_entry.id   4EF2
#
_cell.length_a   46.225
_cell.length_b   75.691
_cell.length_c   143.815
_cell.angle_alpha   90.000
_cell.angle_beta   90.000
_cell.angle_gamma   90.000
#
_symmetry.space_group_name_H-M   'P 21 21 21'
#
loop_
_entity.id
_entity.type
_entity.pdbx_description
1 polymer 'Pheromone cOB1/lipoprotein, YaeC family'
2 non-polymer SELENOMETHIONINE
3 non-polymer 'CHLORIDE ION'
4 non-polymer 'TRIETHYLENE GLYCOL'
5 non-polymer DI(HYDROXYETHYL)ETHER
6 non-polymer 3,6,9,12,15,18,21-HEPTAOXATRICOSANE-1,23-DIOL
7 water water
#
_entity_poly.entity_id   1
_entity_poly.type   'polypeptide(L)'
_entity_poly.pdbx_seq_one_letter_code
;GDDSVLKVGASPVPHAEILEHVKPLLEKEGVKLEVTTYTDYVLPNKALESGDIDANYFQHVPFFNEAVKENDYDFVNAGA
IHLEPVGLYSKKYKSLQEIPDGSTIYVSSSVSDWPRVLTILEDAGLITLKEGVDRTTATFDDIDKNTKKLKFNHESDPAI
(MSE)TTLYDNEEGAAVLINSNFAVDQGLNPKKDAIALEKESSPYANIIAVRKEDENNENVKKLVKVLRSKEVQDWITKK
WNGAIVPVNE
;
_entity_poly.pdbx_strand_id   A,B
#
loop_
_chem_comp.id
_chem_comp.type
_chem_comp.name
_chem_comp.formula
CL non-polymer 'CHLORIDE ION' 'Cl -1'
PE8 non-polymer 3,6,9,12,15,18,21-HEPTAOXATRICOSANE-1,23-DIOL 'C16 H34 O9'
PEG non-polymer DI(HYDROXYETHYL)ETHER 'C4 H10 O3'
PGE non-polymer 'TRIETHYLENE GLYCOL' 'C6 H14 O4'
#
# COMPACT_ATOMS: atom_id res chain seq x y z
N ASP A 2 22.94 35.25 4.74
CA ASP A 2 22.51 34.86 3.36
C ASP A 2 21.33 33.89 3.41
N ASP A 3 20.25 34.30 4.08
CA ASP A 3 18.99 33.51 4.16
C ASP A 3 18.16 33.55 2.85
N SER A 4 18.72 34.16 1.81
CA SER A 4 18.19 34.19 0.46
C SER A 4 18.79 33.03 -0.36
N VAL A 5 19.83 32.38 0.17
CA VAL A 5 20.50 31.27 -0.50
C VAL A 5 19.97 29.90 -0.12
N LEU A 6 19.55 29.12 -1.11
CA LEU A 6 19.08 27.75 -0.92
C LEU A 6 20.07 26.73 -1.49
N LYS A 7 20.71 25.92 -0.64
CA LYS A 7 21.69 24.88 -1.08
C LYS A 7 21.01 23.56 -1.35
N VAL A 8 21.10 23.07 -2.59
CA VAL A 8 20.38 21.86 -2.99
C VAL A 8 21.34 20.77 -3.55
N GLY A 9 21.30 19.61 -2.89
CA GLY A 9 22.02 18.40 -3.30
C GLY A 9 21.19 17.66 -4.35
N ALA A 10 21.81 17.23 -5.43
CA ALA A 10 21.09 16.60 -6.53
C ALA A 10 21.95 15.53 -7.27
N SER A 11 21.29 14.56 -7.88
CA SER A 11 21.91 13.70 -8.87
C SER A 11 22.27 14.52 -10.11
N PRO A 12 23.28 14.08 -10.89
CA PRO A 12 23.67 14.84 -12.09
C PRO A 12 22.55 15.11 -13.12
N VAL A 13 21.82 14.06 -13.47
CA VAL A 13 20.88 14.14 -14.59
C VAL A 13 19.76 13.22 -14.35
N PRO A 14 18.52 13.71 -14.51
CA PRO A 14 18.10 15.10 -14.83
C PRO A 14 18.15 16.12 -13.67
N HIS A 15 18.31 15.68 -12.41
CA HIS A 15 18.03 16.56 -11.26
C HIS A 15 18.79 17.85 -11.26
N ALA A 16 20.11 17.80 -11.37
CA ALA A 16 20.95 18.99 -11.31
C ALA A 16 20.69 19.86 -12.50
N GLU A 17 20.39 19.23 -13.64
CA GLU A 17 20.10 19.96 -14.87
CA GLU A 17 20.10 19.99 -14.86
C GLU A 17 18.77 20.73 -14.77
N ILE A 18 17.75 20.09 -14.20
CA ILE A 18 16.49 20.72 -13.94
C ILE A 18 16.75 21.94 -12.98
N LEU A 19 17.53 21.74 -11.91
CA LEU A 19 17.83 22.84 -10.98
C LEU A 19 18.52 24.03 -11.68
N GLU A 20 19.53 23.76 -12.53
CA GLU A 20 20.22 24.83 -13.27
C GLU A 20 19.23 25.58 -14.22
N HIS A 21 18.33 24.84 -14.86
CA HIS A 21 17.35 25.43 -15.74
C HIS A 21 16.39 26.32 -15.02
N VAL A 22 15.99 26.02 -13.78
CA VAL A 22 15.08 26.90 -13.04
C VAL A 22 15.76 28.06 -12.29
N LYS A 23 17.09 28.08 -12.20
CA LYS A 23 17.79 29.15 -11.45
C LYS A 23 17.34 30.59 -11.71
N PRO A 24 17.20 31.00 -13.01
CA PRO A 24 16.67 32.32 -13.32
C PRO A 24 15.25 32.58 -12.85
N LEU A 25 14.41 31.55 -12.84
CA LEU A 25 13.02 31.69 -12.37
C LEU A 25 13.06 31.95 -10.90
N LEU A 26 13.93 31.24 -10.18
CA LEU A 26 14.10 31.45 -8.72
C LEU A 26 14.74 32.77 -8.35
N GLU A 27 15.66 33.24 -9.19
CA GLU A 27 16.28 34.55 -8.98
C GLU A 27 15.27 35.68 -9.13
N LYS A 28 14.38 35.60 -10.14
CA LYS A 28 13.30 36.60 -10.31
C LYS A 28 12.46 36.62 -9.03
N GLU A 29 12.31 35.47 -8.37
CA GLU A 29 11.65 35.41 -7.05
C GLU A 29 12.54 35.79 -5.83
N GLY A 30 13.75 36.31 -6.05
CA GLY A 30 14.66 36.64 -4.92
C GLY A 30 15.36 35.48 -4.20
N VAL A 31 15.37 34.27 -4.77
CA VAL A 31 16.05 33.10 -4.15
C VAL A 31 17.31 32.72 -4.94
N LYS A 32 18.45 32.60 -4.24
CA LYS A 32 19.74 32.24 -4.85
C LYS A 32 19.93 30.72 -4.67
N LEU A 33 19.74 29.95 -5.74
CA LEU A 33 19.88 28.50 -5.68
C LEU A 33 21.34 28.10 -5.91
N GLU A 34 21.94 27.31 -5.01
CA GLU A 34 23.33 26.79 -5.19
C GLU A 34 23.28 25.29 -5.19
N VAL A 35 23.73 24.66 -6.30
CA VAL A 35 23.63 23.22 -6.46
C VAL A 35 24.90 22.52 -6.03
N THR A 36 24.76 21.38 -5.34
CA THR A 36 25.90 20.44 -5.14
C THR A 36 25.54 19.12 -5.78
N THR A 37 26.28 18.73 -6.82
CA THR A 37 26.00 17.50 -7.48
C THR A 37 26.73 16.36 -6.80
N TYR A 38 26.00 15.28 -6.53
CA TYR A 38 26.47 14.06 -5.93
C TYR A 38 26.25 12.90 -6.92
N THR A 39 27.20 11.96 -6.91
CA THR A 39 27.23 10.83 -7.77
C THR A 39 26.67 9.56 -7.14
N ASP A 40 26.28 9.60 -5.88
CA ASP A 40 25.78 8.38 -5.20
C ASP A 40 24.43 8.64 -4.53
N TYR A 41 23.88 7.61 -3.90
CA TYR A 41 22.58 7.71 -3.21
C TYR A 41 22.69 7.82 -1.69
N VAL A 42 23.89 7.99 -1.14
CA VAL A 42 24.10 8.10 0.30
C VAL A 42 24.44 9.51 0.74
N LEU A 43 25.43 10.12 0.08
CA LEU A 43 25.93 11.42 0.55
C LEU A 43 24.88 12.54 0.54
N PRO A 44 23.91 12.54 -0.42
CA PRO A 44 22.87 13.62 -0.39
C PRO A 44 22.03 13.64 0.93
N ASN A 45 21.72 12.47 1.47
CA ASN A 45 21.05 12.41 2.78
C ASN A 45 21.94 12.78 3.94
N LYS A 46 23.15 12.19 3.99
CA LYS A 46 24.16 12.55 5.00
C LYS A 46 24.43 14.06 5.01
N ALA A 47 24.52 14.65 3.82
CA ALA A 47 24.78 16.07 3.71
C ALA A 47 23.61 16.89 4.18
N LEU A 48 22.39 16.42 3.91
CA LEU A 48 21.19 17.12 4.35
C LEU A 48 21.18 17.10 5.88
N GLU A 49 21.50 15.94 6.47
CA GLU A 49 21.49 15.91 7.95
C GLU A 49 22.61 16.76 8.60
N SER A 50 23.78 16.87 7.98
CA SER A 50 24.86 17.64 8.59
C SER A 50 24.68 19.16 8.36
N GLY A 51 23.66 19.59 7.61
CA GLY A 51 23.48 20.99 7.30
C GLY A 51 24.35 21.50 6.13
N ASP A 52 25.12 20.64 5.47
CA ASP A 52 25.91 21.05 4.30
C ASP A 52 25.00 21.60 3.24
N ILE A 53 23.81 21.02 3.12
CA ILE A 53 22.80 21.46 2.15
C ILE A 53 21.50 21.70 2.92
N ASP A 54 20.61 22.47 2.31
CA ASP A 54 19.29 22.74 2.86
C ASP A 54 18.21 21.82 2.32
N ALA A 55 18.41 21.30 1.12
CA ALA A 55 17.47 20.33 0.55
C ALA A 55 18.19 19.34 -0.33
N ASN A 56 17.48 18.24 -0.67
CA ASN A 56 17.99 17.36 -1.71
C ASN A 56 16.93 16.96 -2.74
N TYR A 57 17.41 16.54 -3.88
CA TYR A 57 16.56 16.21 -5.02
C TYR A 57 17.28 15.09 -5.74
N PHE A 58 16.86 13.87 -5.40
CA PHE A 58 17.51 12.64 -5.88
C PHE A 58 16.74 11.32 -5.61
N GLN A 59 15.88 11.25 -4.59
CA GLN A 59 15.30 10.00 -4.09
C GLN A 59 13.75 9.96 -4.17
N HIS A 60 13.21 8.75 -4.22
CA HIS A 60 11.76 8.49 -4.25
C HIS A 60 11.31 8.20 -2.86
N VAL A 61 9.99 8.22 -2.68
CA VAL A 61 9.41 8.06 -1.33
C VAL A 61 9.77 6.73 -0.69
N PRO A 62 9.67 5.62 -1.44
CA PRO A 62 10.07 4.33 -0.79
C PRO A 62 11.53 4.30 -0.33
N PHE A 63 12.44 4.88 -1.14
CA PHE A 63 13.86 5.04 -0.71
C PHE A 63 13.91 5.88 0.54
N PHE A 64 13.22 7.03 0.48
CA PHE A 64 13.22 8.02 1.55
C PHE A 64 12.78 7.40 2.89
N ASN A 65 11.69 6.64 2.85
CA ASN A 65 11.15 5.99 4.05
C ASN A 65 12.13 5.03 4.68
N GLU A 66 12.80 4.24 3.84
CA GLU A 66 13.79 3.28 4.33
C GLU A 66 14.94 4.00 4.99
N ALA A 67 15.41 5.04 4.31
CA ALA A 67 16.54 5.88 4.74
C ALA A 67 16.27 6.60 6.02
N VAL A 68 15.07 7.21 6.15
CA VAL A 68 14.67 7.83 7.42
C VAL A 68 14.66 6.82 8.57
N LYS A 69 14.10 5.64 8.33
CA LYS A 69 14.00 4.63 9.41
C LYS A 69 15.37 4.08 9.79
N GLU A 70 16.20 3.79 8.79
CA GLU A 70 17.50 3.18 9.05
C GLU A 70 18.44 4.14 9.76
N ASN A 71 18.44 5.40 9.34
CA ASN A 71 19.35 6.43 9.89
C ASN A 71 18.82 7.38 10.96
N ASP A 72 17.56 7.22 11.38
CA ASP A 72 16.92 8.17 12.31
C ASP A 72 17.05 9.61 11.76
N TYR A 73 16.85 9.80 10.47
CA TYR A 73 16.93 11.14 9.89
C TYR A 73 15.60 11.84 10.17
N ASP A 74 15.68 13.07 10.67
CA ASP A 74 14.50 13.88 10.94
C ASP A 74 14.21 14.79 9.73
N PHE A 75 13.79 14.16 8.64
CA PHE A 75 13.49 14.81 7.36
C PHE A 75 12.00 14.85 7.04
N VAL A 76 11.61 15.67 6.07
CA VAL A 76 10.22 15.66 5.60
C VAL A 76 10.22 15.73 4.06
N ASN A 77 9.18 15.19 3.44
CA ASN A 77 8.93 15.30 1.99
C ASN A 77 8.31 16.66 1.68
N ALA A 78 9.03 17.57 1.03
CA ALA A 78 8.45 18.86 0.61
C ALA A 78 7.65 18.76 -0.70
N GLY A 79 7.61 17.58 -1.34
CA GLY A 79 6.81 17.42 -2.56
C GLY A 79 7.39 16.62 -3.72
N ALA A 80 6.50 15.90 -4.41
CA ALA A 80 6.83 15.11 -5.58
C ALA A 80 7.09 16.01 -6.81
N ILE A 81 8.16 15.73 -7.57
CA ILE A 81 8.46 16.50 -8.80
C ILE A 81 8.37 15.65 -10.10
N HIS A 82 8.96 14.46 -10.12
CA HIS A 82 8.94 13.68 -11.42
C HIS A 82 9.06 12.20 -11.19
N LEU A 83 8.79 11.41 -12.24
CA LEU A 83 8.93 9.95 -12.20
C LEU A 83 9.98 9.48 -13.21
N GLU A 84 10.67 8.37 -12.90
CA GLU A 84 11.68 7.76 -13.82
C GLU A 84 11.32 6.27 -14.06
N PRO A 85 10.40 6.00 -15.00
CA PRO A 85 10.06 4.58 -15.20
C PRO A 85 11.34 3.78 -15.43
N VAL A 86 11.55 2.79 -14.58
CA VAL A 86 12.82 2.02 -14.58
C VAL A 86 12.87 0.87 -15.63
N GLY A 87 14.05 0.73 -16.24
CA GLY A 87 14.29 -0.28 -17.27
C GLY A 87 15.24 -1.41 -16.88
N LEU A 88 15.04 -2.55 -17.56
CA LEU A 88 16.05 -3.63 -17.65
C LEU A 88 16.75 -3.42 -18.97
N TYR A 89 18.08 -3.51 -18.91
CA TYR A 89 18.93 -3.24 -20.08
C TYR A 89 19.82 -4.47 -20.31
N SER A 90 20.16 -4.72 -21.55
CA SER A 90 21.04 -5.85 -21.86
C SER A 90 21.72 -5.61 -23.21
N LYS A 91 22.99 -6.03 -23.38
CA LYS A 91 23.59 -5.98 -24.71
C LYS A 91 23.45 -7.32 -25.39
N LYS A 92 22.87 -8.32 -24.70
CA LYS A 92 22.80 -9.70 -25.23
C LYS A 92 21.44 -10.09 -25.79
N TYR A 93 20.38 -9.72 -25.09
CA TYR A 93 19.03 -10.12 -25.50
C TYR A 93 18.19 -8.92 -25.85
N LYS A 94 17.39 -9.05 -26.93
CA LYS A 94 16.44 -8.02 -27.33
C LYS A 94 15.14 -8.08 -26.50
N SER A 95 14.87 -9.19 -25.82
CA SER A 95 13.65 -9.40 -25.02
C SER A 95 13.93 -10.30 -23.81
N LEU A 96 13.22 -10.07 -22.72
CA LEU A 96 13.30 -10.97 -21.56
C LEU A 96 12.92 -12.44 -21.95
N GLN A 97 12.01 -12.61 -22.93
CA GLN A 97 11.52 -13.94 -23.33
C GLN A 97 12.63 -14.86 -23.90
N GLU A 98 13.72 -14.24 -24.38
CA GLU A 98 14.87 -14.97 -24.93
C GLU A 98 15.86 -15.46 -23.89
N ILE A 99 15.76 -15.07 -22.62
CA ILE A 99 16.82 -15.35 -21.62
C ILE A 99 16.90 -16.84 -21.30
N PRO A 100 18.11 -17.46 -21.39
CA PRO A 100 18.19 -18.90 -21.08
C PRO A 100 17.97 -19.14 -19.58
N ASP A 101 17.39 -20.27 -19.26
CA ASP A 101 17.09 -20.53 -17.85
C ASP A 101 18.36 -20.53 -16.97
N GLY A 102 18.21 -20.08 -15.73
CA GLY A 102 19.34 -20.06 -14.81
C GLY A 102 20.25 -18.86 -15.04
N SER A 103 19.89 -17.93 -15.93
CA SER A 103 20.67 -16.72 -16.13
C SER A 103 20.50 -15.79 -14.93
N THR A 104 21.46 -14.88 -14.76
CA THR A 104 21.45 -13.91 -13.66
C THR A 104 20.91 -12.55 -14.14
N ILE A 105 20.06 -11.99 -13.29
CA ILE A 105 19.55 -10.63 -13.43
C ILE A 105 20.24 -9.83 -12.34
N TYR A 106 20.94 -8.76 -12.77
CA TYR A 106 21.64 -7.87 -11.77
C TYR A 106 20.74 -6.72 -11.39
N VAL A 107 20.58 -6.54 -10.07
CA VAL A 107 19.87 -5.39 -9.49
CA VAL A 107 19.83 -5.45 -9.45
C VAL A 107 20.78 -4.81 -8.41
N SER A 108 20.60 -3.53 -8.10
CA SER A 108 21.40 -2.86 -7.06
C SER A 108 21.00 -3.40 -5.68
N SER A 109 21.77 -3.04 -4.68
CA SER A 109 21.47 -3.41 -3.29
C SER A 109 20.42 -2.50 -2.65
N SER A 110 19.85 -1.57 -3.39
CA SER A 110 18.80 -0.71 -2.80
C SER A 110 17.46 -1.49 -2.79
N VAL A 111 17.08 -1.98 -1.63
CA VAL A 111 15.92 -2.85 -1.48
C VAL A 111 14.62 -2.26 -2.00
N SER A 112 14.49 -0.93 -1.94
CA SER A 112 13.24 -0.25 -2.31
C SER A 112 13.00 -0.26 -3.81
N ASP A 113 14.03 -0.63 -4.59
CA ASP A 113 13.82 -0.83 -6.05
C ASP A 113 13.47 -2.28 -6.41
N TRP A 114 13.60 -3.22 -5.45
CA TRP A 114 13.38 -4.64 -5.74
C TRP A 114 11.95 -4.93 -6.24
N PRO A 115 10.92 -4.23 -5.69
CA PRO A 115 9.57 -4.53 -6.21
C PRO A 115 9.34 -4.10 -7.65
N ARG A 116 10.19 -3.20 -8.16
CA ARG A 116 10.06 -2.67 -9.49
C ARG A 116 10.50 -3.74 -10.52
N VAL A 117 11.64 -4.41 -10.24
CA VAL A 117 12.12 -5.48 -11.09
C VAL A 117 11.09 -6.65 -11.05
N LEU A 118 10.47 -6.87 -9.89
CA LEU A 118 9.54 -7.93 -9.68
C LEU A 118 8.28 -7.65 -10.49
N THR A 119 7.78 -6.39 -10.52
CA THR A 119 6.63 -6.08 -11.40
C THR A 119 6.92 -6.25 -12.88
N ILE A 120 8.12 -5.85 -13.32
CA ILE A 120 8.48 -6.05 -14.76
C ILE A 120 8.41 -7.58 -15.15
N LEU A 121 9.00 -8.43 -14.30
CA LEU A 121 9.06 -9.91 -14.53
C LEU A 121 7.67 -10.58 -14.44
N GLU A 122 6.84 -10.07 -13.54
CA GLU A 122 5.47 -10.48 -13.42
C GLU A 122 4.68 -10.10 -14.67
N ASP A 123 4.79 -8.85 -15.11
CA ASP A 123 4.12 -8.38 -16.33
C ASP A 123 4.61 -9.12 -17.55
N ALA A 124 5.88 -9.48 -17.58
CA ALA A 124 6.46 -10.22 -18.71
C ALA A 124 6.02 -11.69 -18.65
N GLY A 125 5.32 -12.12 -17.60
CA GLY A 125 4.84 -13.49 -17.50
C GLY A 125 5.89 -14.52 -17.01
N LEU A 126 6.97 -14.03 -16.42
CA LEU A 126 8.08 -14.88 -16.03
C LEU A 126 8.17 -15.26 -14.55
N ILE A 127 7.53 -14.51 -13.70
CA ILE A 127 7.38 -14.91 -12.27
C ILE A 127 5.99 -14.66 -11.80
N THR A 128 5.62 -15.33 -10.68
CA THR A 128 4.46 -15.02 -9.90
C THR A 128 4.92 -14.85 -8.44
N LEU A 129 4.11 -14.15 -7.65
CA LEU A 129 4.40 -13.88 -6.25
C LEU A 129 3.48 -14.70 -5.39
N LYS A 130 3.97 -15.11 -4.22
CA LYS A 130 3.14 -15.88 -3.28
C LYS A 130 1.91 -15.15 -2.82
N GLU A 131 0.85 -15.90 -2.54
CA GLU A 131 -0.34 -15.32 -1.99
C GLU A 131 0.09 -14.74 -0.66
N GLY A 132 -0.47 -13.59 -0.33
CA GLY A 132 -0.09 -12.94 0.90
C GLY A 132 1.31 -12.33 0.88
N VAL A 133 1.85 -12.06 -0.31
CA VAL A 133 3.01 -11.23 -0.41
C VAL A 133 2.56 -9.83 0.08
N ASP A 134 3.40 -9.12 0.83
CA ASP A 134 3.23 -7.66 1.05
C ASP A 134 3.89 -6.98 -0.11
N ARG A 135 3.09 -6.64 -1.12
CA ARG A 135 3.66 -6.05 -2.35
C ARG A 135 4.33 -4.70 -2.15
N THR A 136 4.08 -4.02 -1.03
CA THR A 136 4.76 -2.72 -0.81
C THR A 136 6.22 -2.90 -0.49
N THR A 137 6.57 -4.08 0.02
CA THR A 137 7.93 -4.41 0.42
C THR A 137 8.36 -5.74 -0.22
N ALA A 138 7.94 -6.02 -1.48
CA ALA A 138 8.21 -7.30 -2.13
C ALA A 138 9.72 -7.53 -2.33
N THR A 139 10.17 -8.78 -2.13
CA THR A 139 11.58 -9.16 -2.36
C THR A 139 11.59 -10.49 -3.10
N PHE A 140 12.80 -10.94 -3.42
CA PHE A 140 13.00 -12.13 -4.25
C PHE A 140 12.56 -13.38 -3.56
N ASP A 141 12.55 -13.36 -2.23
CA ASP A 141 11.98 -14.44 -1.42
C ASP A 141 10.46 -14.57 -1.53
N ASP A 142 9.77 -13.56 -2.04
CA ASP A 142 8.32 -13.63 -2.28
C ASP A 142 7.93 -14.33 -3.57
N ILE A 143 8.91 -14.65 -4.43
CA ILE A 143 8.62 -15.30 -5.73
C ILE A 143 8.07 -16.72 -5.52
N ASP A 144 6.94 -17.04 -6.14
CA ASP A 144 6.37 -18.39 -6.09
C ASP A 144 6.86 -19.14 -7.38
N LYS A 145 6.28 -18.91 -8.55
CA LYS A 145 6.78 -19.51 -9.80
C LYS A 145 7.94 -18.70 -10.34
N ASN A 146 9.05 -19.37 -10.71
CA ASN A 146 10.19 -18.71 -11.35
C ASN A 146 10.43 -19.46 -12.66
N THR A 147 9.73 -18.99 -13.70
CA THR A 147 9.61 -19.72 -14.98
C THR A 147 10.90 -20.06 -15.68
N LYS A 148 11.78 -19.06 -15.82
CA LYS A 148 13.13 -19.26 -16.41
C LYS A 148 14.18 -19.57 -15.33
N LYS A 149 13.73 -19.90 -14.11
CA LYS A 149 14.64 -20.26 -13.02
C LYS A 149 15.76 -19.19 -12.87
N LEU A 150 15.38 -17.91 -12.95
CA LEU A 150 16.42 -16.83 -12.91
C LEU A 150 17.02 -16.67 -11.53
N LYS A 151 18.30 -16.30 -11.51
CA LYS A 151 19.03 -15.94 -10.30
C LYS A 151 19.04 -14.43 -10.25
N PHE A 152 19.00 -13.89 -9.05
CA PHE A 152 19.11 -12.44 -8.81
C PHE A 152 20.31 -12.05 -7.98
N ASN A 153 21.18 -11.25 -8.54
CA ASN A 153 22.30 -10.73 -7.79
C ASN A 153 21.93 -9.30 -7.42
N HIS A 154 21.93 -9.02 -6.11
CA HIS A 154 21.59 -7.70 -5.55
C HIS A 154 22.69 -7.11 -4.69
N GLU A 155 23.96 -7.34 -5.03
CA GLU A 155 25.11 -6.90 -4.20
C GLU A 155 25.66 -5.51 -4.59
N SER A 156 25.48 -5.10 -5.85
CA SER A 156 26.16 -3.95 -6.37
C SER A 156 25.50 -2.64 -5.95
N ASP A 157 26.29 -1.55 -5.97
CA ASP A 157 25.80 -0.21 -5.63
C ASP A 157 25.01 0.28 -6.83
N PRO A 158 23.95 1.04 -6.60
CA PRO A 158 23.24 1.57 -7.73
C PRO A 158 24.06 2.39 -8.70
N ALA A 159 25.05 3.13 -8.18
CA ALA A 159 25.96 3.89 -9.04
C ALA A 159 26.89 3.05 -9.97
N ILE A 160 27.03 1.72 -9.81
CA ILE A 160 27.84 0.92 -10.80
C ILE A 160 27.04 0.06 -11.79
N MSE A 161 25.70 0.17 -11.73
CA MSE A 161 24.84 -0.68 -12.57
C MSE A 161 25.11 -0.47 -14.08
O MSE A 161 25.03 -1.44 -14.86
CB MSE A 161 23.38 -0.47 -12.22
CG MSE A 161 23.03 -0.71 -10.77
SE MSE A 161 23.69 -2.32 -9.96
CE MSE A 161 22.64 -3.57 -11.13
N THR A 162 25.52 0.75 -14.46
CA THR A 162 25.83 0.98 -15.89
C THR A 162 27.12 0.27 -16.27
N THR A 163 28.01 0.00 -15.29
CA THR A 163 29.25 -0.70 -15.63
C THR A 163 28.96 -2.18 -15.90
N LEU A 164 28.12 -2.77 -15.06
CA LEU A 164 27.67 -4.15 -15.21
C LEU A 164 27.05 -4.34 -16.59
N TYR A 165 26.24 -3.37 -17.00
CA TYR A 165 25.60 -3.41 -18.34
C TYR A 165 26.66 -3.31 -19.43
N ASP A 166 27.53 -2.32 -19.28
CA ASP A 166 28.55 -2.08 -20.24
C ASP A 166 29.54 -3.25 -20.38
N ASN A 167 29.82 -3.94 -19.28
CA ASN A 167 30.71 -5.11 -19.29
C ASN A 167 30.03 -6.46 -19.62
N GLU A 168 28.73 -6.43 -19.99
CA GLU A 168 27.98 -7.61 -20.40
C GLU A 168 27.85 -8.68 -19.30
N GLU A 169 27.79 -8.23 -18.07
CA GLU A 169 27.55 -9.10 -16.93
C GLU A 169 26.09 -9.48 -16.80
N GLY A 170 25.79 -10.75 -16.83
CA GLY A 170 24.42 -11.24 -16.69
C GLY A 170 23.61 -11.09 -17.95
N ALA A 171 22.37 -11.59 -17.90
CA ALA A 171 21.42 -11.54 -18.98
C ALA A 171 20.81 -10.14 -19.10
N ALA A 172 20.62 -9.44 -17.96
CA ALA A 172 20.05 -8.10 -17.94
C ALA A 172 20.37 -7.40 -16.65
N VAL A 173 20.27 -6.06 -16.67
CA VAL A 173 20.63 -5.21 -15.55
C VAL A 173 19.53 -4.12 -15.31
N LEU A 174 19.10 -3.98 -14.06
CA LEU A 174 18.18 -2.92 -13.64
C LEU A 174 19.03 -1.66 -13.33
N ILE A 175 18.84 -0.59 -14.13
CA ILE A 175 19.57 0.67 -14.02
C ILE A 175 18.55 1.80 -13.76
N ASN A 176 18.73 2.51 -12.65
CA ASN A 176 17.92 3.73 -12.39
C ASN A 176 18.11 4.71 -13.57
N SER A 177 17.03 5.39 -13.95
CA SER A 177 17.12 6.23 -15.17
C SER A 177 18.09 7.35 -15.08
N ASN A 178 18.25 7.94 -13.89
CA ASN A 178 19.23 9.01 -13.72
C ASN A 178 20.64 8.56 -14.12
N PHE A 179 21.06 7.36 -13.74
CA PHE A 179 22.39 6.85 -14.19
C PHE A 179 22.34 6.49 -15.66
N ALA A 180 21.24 5.87 -16.10
CA ALA A 180 21.10 5.48 -17.53
C ALA A 180 21.20 6.62 -18.44
N VAL A 181 20.45 7.68 -18.13
CA VAL A 181 20.43 8.86 -18.97
C VAL A 181 21.81 9.55 -18.98
N ASP A 182 22.49 9.57 -17.84
CA ASP A 182 23.83 10.20 -17.81
C ASP A 182 24.82 9.46 -18.68
N GLN A 183 24.66 8.16 -18.83
CA GLN A 183 25.59 7.42 -19.67
C GLN A 183 25.16 7.35 -21.10
N GLY A 184 24.05 8.00 -21.45
CA GLY A 184 23.60 8.06 -22.83
C GLY A 184 22.62 6.99 -23.20
N LEU A 185 22.00 6.30 -22.24
CA LEU A 185 20.93 5.36 -22.59
C LEU A 185 19.57 6.12 -22.51
N ASN A 186 18.66 5.86 -23.44
CA ASN A 186 17.29 6.34 -23.36
C ASN A 186 16.37 5.19 -22.92
N PRO A 187 15.74 5.30 -21.73
CA PRO A 187 14.89 4.16 -21.28
C PRO A 187 13.79 3.78 -22.25
N LYS A 188 13.18 4.77 -22.89
CA LYS A 188 12.10 4.53 -23.86
C LYS A 188 12.60 3.86 -25.11
N LYS A 189 13.90 3.96 -25.42
CA LYS A 189 14.40 3.38 -26.69
C LYS A 189 15.36 2.18 -26.45
N ASP A 190 16.12 2.16 -25.36
CA ASP A 190 17.17 1.15 -25.15
C ASP A 190 16.85 0.02 -24.21
N ALA A 191 15.97 0.25 -23.26
CA ALA A 191 15.57 -0.82 -22.34
C ALA A 191 14.81 -1.98 -23.05
N ILE A 192 15.03 -3.23 -22.62
CA ILE A 192 14.32 -4.39 -23.19
C ILE A 192 12.96 -4.62 -22.48
N ALA A 193 12.79 -4.07 -21.28
CA ALA A 193 11.46 -4.03 -20.60
C ALA A 193 11.46 -2.75 -19.71
N LEU A 194 10.32 -2.12 -19.59
CA LEU A 194 10.16 -0.89 -18.83
C LEU A 194 9.03 -1.05 -17.78
N GLU A 195 9.22 -0.53 -16.56
CA GLU A 195 8.16 -0.47 -15.53
C GLU A 195 6.82 0.11 -16.05
N LYS A 196 5.71 -0.55 -15.83
CA LYS A 196 4.45 -0.10 -16.43
C LYS A 196 3.77 1.03 -15.61
N GLU A 197 3.98 1.03 -14.30
CA GLU A 197 3.36 2.01 -13.41
C GLU A 197 4.39 2.49 -12.35
N SER A 198 4.86 3.70 -12.56
CA SER A 198 5.94 4.25 -11.79
C SER A 198 5.51 5.35 -10.74
N SER A 199 4.20 5.59 -10.58
CA SER A 199 3.71 6.62 -9.68
C SER A 199 4.17 6.49 -8.20
N PRO A 200 4.38 5.25 -7.69
CA PRO A 200 4.87 5.21 -6.30
C PRO A 200 6.32 5.71 -6.16
N TYR A 201 7.03 5.90 -7.28
CA TYR A 201 8.45 6.22 -7.30
C TYR A 201 8.76 7.65 -7.76
N ALA A 202 7.87 8.57 -7.43
CA ALA A 202 8.04 10.00 -7.63
C ALA A 202 9.26 10.51 -6.85
N ASN A 203 10.16 11.17 -7.57
CA ASN A 203 11.34 11.78 -6.96
C ASN A 203 10.92 13.08 -6.27
N ILE A 204 11.37 13.24 -5.04
CA ILE A 204 10.93 14.32 -4.17
C ILE A 204 12.05 15.34 -3.79
N ILE A 205 11.61 16.53 -3.34
CA ILE A 205 12.47 17.47 -2.65
C ILE A 205 12.32 17.08 -1.16
N ALA A 206 13.43 16.73 -0.50
CA ALA A 206 13.47 16.40 0.91
C ALA A 206 14.25 17.49 1.70
N VAL A 207 13.82 17.79 2.94
CA VAL A 207 14.42 18.84 3.74
C VAL A 207 14.38 18.37 5.15
N ARG A 208 15.06 19.11 6.02
CA ARG A 208 14.98 18.85 7.48
C ARG A 208 13.63 19.34 8.01
N LYS A 209 13.15 18.68 9.07
CA LYS A 209 11.85 18.94 9.62
C LYS A 209 11.66 20.39 9.96
N GLU A 210 12.70 21.05 10.46
CA GLU A 210 12.54 22.44 10.89
C GLU A 210 12.35 23.40 9.74
N ASP A 211 12.74 22.98 8.54
CA ASP A 211 12.56 23.78 7.32
C ASP A 211 11.31 23.40 6.55
N GLU A 212 10.49 22.53 7.13
CA GLU A 212 9.20 22.12 6.57
C GLU A 212 8.31 23.28 6.06
N ASN A 213 8.32 24.45 6.72
CA ASN A 213 7.58 25.65 6.25
C ASN A 213 8.47 26.73 5.61
N ASN A 214 9.72 26.42 5.27
CA ASN A 214 10.63 27.35 4.69
C ASN A 214 10.10 27.94 3.35
N GLU A 215 9.97 29.27 3.29
CA GLU A 215 9.47 29.99 2.11
C GLU A 215 10.31 29.76 0.84
N ASN A 216 11.63 29.63 1.00
CA ASN A 216 12.52 29.38 -0.15
C ASN A 216 12.27 27.98 -0.72
N VAL A 217 12.00 27.03 0.16
CA VAL A 217 11.72 25.67 -0.25
C VAL A 217 10.39 25.59 -0.98
N LYS A 218 9.37 26.25 -0.43
CA LYS A 218 8.06 26.28 -1.08
C LYS A 218 8.19 26.90 -2.50
N LYS A 219 8.95 27.97 -2.61
CA LYS A 219 9.15 28.60 -3.93
C LYS A 219 9.82 27.62 -4.93
N LEU A 220 10.79 26.84 -4.45
CA LEU A 220 11.48 25.84 -5.29
C LEU A 220 10.54 24.77 -5.81
N VAL A 221 9.73 24.21 -4.90
CA VAL A 221 8.75 23.18 -5.26
C VAL A 221 7.71 23.71 -6.22
N LYS A 222 7.21 24.93 -5.97
CA LYS A 222 6.21 25.51 -6.85
C LYS A 222 6.78 25.74 -8.28
N VAL A 223 8.00 26.28 -8.39
CA VAL A 223 8.65 26.47 -9.73
C VAL A 223 8.90 25.12 -10.47
N LEU A 224 9.40 24.15 -9.76
CA LEU A 224 9.63 22.79 -10.31
C LEU A 224 8.34 22.07 -10.78
N ARG A 225 7.20 22.44 -10.19
CA ARG A 225 5.90 21.88 -10.60
C ARG A 225 5.12 22.74 -11.59
N SER A 226 5.62 23.92 -11.92
CA SER A 226 4.91 24.80 -12.86
C SER A 226 4.87 24.18 -14.25
N LYS A 227 3.83 24.53 -14.95
CA LYS A 227 3.52 23.98 -16.26
C LYS A 227 4.68 24.17 -17.27
N GLU A 228 5.26 25.37 -17.32
CA GLU A 228 6.38 25.68 -18.25
C GLU A 228 7.55 24.71 -17.97
N VAL A 229 7.88 24.53 -16.70
CA VAL A 229 8.98 23.68 -16.34
C VAL A 229 8.66 22.19 -16.60
N GLN A 230 7.45 21.74 -16.27
CA GLN A 230 7.10 20.34 -16.50
CA GLN A 230 7.06 20.35 -16.53
C GLN A 230 7.11 20.04 -18.03
N ASP A 231 6.63 20.96 -18.85
CA ASP A 231 6.66 20.76 -20.33
C ASP A 231 8.10 20.69 -20.84
N TRP A 232 8.95 21.52 -20.25
CA TRP A 232 10.35 21.54 -20.56
C TRP A 232 10.99 20.18 -20.22
N ILE A 233 10.74 19.67 -19.02
CA ILE A 233 11.24 18.40 -18.61
C ILE A 233 10.85 17.30 -19.64
N THR A 234 9.57 17.22 -19.95
CA THR A 234 9.04 16.27 -20.97
C THR A 234 9.76 16.32 -22.33
N LYS A 235 9.96 17.54 -22.85
CA LYS A 235 10.63 17.70 -24.16
C LYS A 235 12.14 17.38 -24.09
N LYS A 236 12.82 17.73 -23.00
CA LYS A 236 14.27 17.55 -22.84
C LYS A 236 14.68 16.07 -22.92
N TRP A 237 13.98 15.18 -22.22
CA TRP A 237 14.29 13.75 -22.23
C TRP A 237 13.24 12.89 -22.91
N ASN A 238 12.44 13.51 -23.76
CA ASN A 238 11.50 12.80 -24.62
C ASN A 238 10.54 11.82 -23.96
N GLY A 239 10.08 12.17 -22.78
CA GLY A 239 9.16 11.31 -22.07
C GLY A 239 9.80 10.21 -21.23
N ALA A 240 11.14 10.10 -21.20
CA ALA A 240 11.83 9.20 -20.28
C ALA A 240 11.74 9.72 -18.80
N ILE A 241 11.64 11.03 -18.63
CA ILE A 241 11.46 11.68 -17.31
C ILE A 241 10.03 12.25 -17.33
N VAL A 242 9.18 11.79 -16.40
CA VAL A 242 7.71 12.06 -16.42
C VAL A 242 7.33 13.03 -15.31
N PRO A 243 6.83 14.20 -15.64
CA PRO A 243 6.46 15.13 -14.57
C PRO A 243 5.19 14.72 -13.83
N VAL A 244 5.09 15.09 -12.55
CA VAL A 244 3.86 14.96 -11.79
C VAL A 244 2.95 16.16 -12.09
N SER B 4 -7.37 21.01 15.92
CA SER B 4 -6.26 20.43 16.74
C SER B 4 -6.20 18.89 16.44
N VAL B 5 -6.31 17.99 17.43
CA VAL B 5 -6.10 16.54 17.21
C VAL B 5 -7.33 15.66 17.03
N LEU B 6 -7.19 14.59 16.23
CA LEU B 6 -8.29 13.61 16.00
C LEU B 6 -7.97 12.22 16.59
N LYS B 7 -8.76 11.78 17.60
CA LYS B 7 -8.53 10.46 18.24
C LYS B 7 -9.39 9.40 17.53
N VAL B 8 -8.74 8.42 16.91
CA VAL B 8 -9.47 7.38 16.16
C VAL B 8 -9.24 5.99 16.79
N GLY B 9 -10.35 5.30 17.08
CA GLY B 9 -10.34 3.94 17.63
C GLY B 9 -10.41 2.97 16.47
N ALA B 10 -9.54 1.98 16.46
CA ALA B 10 -9.50 1.08 15.33
C ALA B 10 -9.11 -0.36 15.73
N SER B 11 -9.55 -1.34 14.92
CA SER B 11 -9.03 -2.71 15.03
C SER B 11 -7.52 -2.72 14.75
N PRO B 12 -6.78 -3.66 15.35
CA PRO B 12 -5.33 -3.70 15.11
C PRO B 12 -4.89 -3.77 13.65
N VAL B 13 -5.50 -4.66 12.87
CA VAL B 13 -5.11 -4.88 11.48
CA VAL B 13 -5.12 -4.83 11.47
C VAL B 13 -6.34 -5.20 10.66
N PRO B 14 -6.50 -4.60 9.47
CA PRO B 14 -5.66 -3.60 8.83
C PRO B 14 -5.85 -2.17 9.35
N HIS B 15 -6.90 -1.94 10.12
CA HIS B 15 -7.37 -0.59 10.39
C HIS B 15 -6.35 0.34 11.01
N ALA B 16 -5.79 -0.05 12.16
CA ALA B 16 -4.83 0.79 12.89
C ALA B 16 -3.54 0.95 12.10
N GLU B 17 -3.19 -0.07 11.32
CA GLU B 17 -2.02 -0.08 10.50
C GLU B 17 -2.19 0.86 9.29
N ILE B 18 -3.38 0.87 8.68
CA ILE B 18 -3.73 1.86 7.66
C ILE B 18 -3.59 3.25 8.27
N LEU B 19 -4.18 3.48 9.47
CA LEU B 19 -4.14 4.83 10.09
C LEU B 19 -2.70 5.33 10.38
N GLU B 20 -1.82 4.45 10.89
CA GLU B 20 -0.41 4.81 11.12
C GLU B 20 0.29 5.18 9.80
N HIS B 21 0.01 4.42 8.74
CA HIS B 21 0.63 4.71 7.45
C HIS B 21 0.16 6.02 6.85
N VAL B 22 -1.09 6.45 7.09
CA VAL B 22 -1.56 7.77 6.60
C VAL B 22 -1.25 8.98 7.51
N LYS B 23 -0.74 8.78 8.74
CA LYS B 23 -0.42 9.92 9.65
C LYS B 23 0.36 11.10 9.04
N PRO B 24 1.43 10.82 8.26
CA PRO B 24 2.16 11.92 7.56
C PRO B 24 1.32 12.65 6.49
N LEU B 25 0.40 11.93 5.83
CA LEU B 25 -0.49 12.56 4.85
C LEU B 25 -1.44 13.50 5.56
N LEU B 26 -1.95 13.08 6.73
CA LEU B 26 -2.82 13.93 7.55
C LEU B 26 -2.10 15.12 8.18
N GLU B 27 -0.83 14.93 8.54
CA GLU B 27 -0.02 16.06 9.06
C GLU B 27 0.22 17.15 8.02
N LYS B 28 0.57 16.80 6.77
CA LYS B 28 0.66 17.77 5.70
C LYS B 28 -0.70 18.51 5.56
N GLU B 29 -1.83 17.87 5.85
CA GLU B 29 -3.16 18.54 5.95
C GLU B 29 -3.43 19.32 7.27
N GLY B 30 -2.45 19.42 8.16
CA GLY B 30 -2.65 20.08 9.47
C GLY B 30 -3.41 19.31 10.54
N VAL B 31 -3.63 17.99 10.36
CA VAL B 31 -4.36 17.18 11.35
C VAL B 31 -3.42 16.23 12.09
N LYS B 32 -3.56 16.20 13.41
CA LYS B 32 -2.75 15.36 14.32
C LYS B 32 -3.61 14.12 14.71
N LEU B 33 -3.33 12.99 14.06
CA LEU B 33 -4.10 11.77 14.24
C LEU B 33 -3.49 10.96 15.40
N GLU B 34 -4.30 10.58 16.39
CA GLU B 34 -3.84 9.68 17.46
C GLU B 34 -4.70 8.43 17.39
N VAL B 35 -4.05 7.29 17.21
CA VAL B 35 -4.75 6.03 17.01
C VAL B 35 -4.78 5.18 18.28
N THR B 36 -5.94 4.64 18.64
CA THR B 36 -6.07 3.68 19.77
C THR B 36 -6.61 2.37 19.27
N THR B 37 -5.96 1.30 19.72
CA THR B 37 -6.32 -0.05 19.32
C THR B 37 -7.37 -0.66 20.24
N TYR B 38 -8.43 -1.20 19.65
CA TYR B 38 -9.38 -2.07 20.36
C TYR B 38 -9.42 -3.39 19.64
N THR B 39 -9.48 -4.46 20.42
CA THR B 39 -9.45 -5.80 19.85
C THR B 39 -10.80 -6.50 19.92
N ASP B 40 -11.85 -5.80 20.36
CA ASP B 40 -13.21 -6.37 20.37
C ASP B 40 -14.12 -5.51 19.49
N TYR B 41 -15.36 -5.93 19.34
CA TYR B 41 -16.36 -5.21 18.51
C TYR B 41 -17.35 -4.37 19.33
N VAL B 42 -17.17 -4.25 20.66
CA VAL B 42 -18.10 -3.46 21.49
C VAL B 42 -17.51 -2.13 22.01
N LEU B 43 -16.31 -2.19 22.58
CA LEU B 43 -15.72 -0.98 23.17
C LEU B 43 -15.54 0.20 22.19
N PRO B 44 -15.15 -0.05 20.92
CA PRO B 44 -15.03 1.11 20.01
C PRO B 44 -16.31 1.99 19.89
N ASN B 45 -17.48 1.36 19.85
CA ASN B 45 -18.74 2.11 19.83
C ASN B 45 -19.01 2.77 21.16
N LYS B 46 -18.89 2.02 22.27
CA LYS B 46 -19.02 2.59 23.63
C LYS B 46 -18.05 3.76 23.85
N ALA B 47 -16.81 3.60 23.39
CA ALA B 47 -15.80 4.66 23.52
C ALA B 47 -16.15 5.88 22.65
N LEU B 48 -16.73 5.66 21.46
CA LEU B 48 -17.19 6.76 20.60
C LEU B 48 -18.29 7.52 21.33
N GLU B 49 -19.25 6.82 21.93
CA GLU B 49 -20.33 7.50 22.62
C GLU B 49 -19.88 8.24 23.86
N SER B 50 -18.89 7.71 24.59
CA SER B 50 -18.44 8.41 25.82
C SER B 50 -17.48 9.58 25.53
N GLY B 51 -17.12 9.80 24.27
CA GLY B 51 -16.17 10.87 23.93
C GLY B 51 -14.69 10.50 24.11
N ASP B 52 -14.38 9.26 24.47
CA ASP B 52 -12.99 8.82 24.61
C ASP B 52 -12.28 8.92 23.28
N ILE B 53 -13.01 8.68 22.20
CA ILE B 53 -12.48 8.83 20.84
C ILE B 53 -13.42 9.74 20.07
N ASP B 54 -12.90 10.33 18.99
CA ASP B 54 -13.70 11.19 18.08
C ASP B 54 -14.27 10.41 16.90
N ALA B 55 -13.60 9.33 16.51
CA ALA B 55 -14.02 8.51 15.40
C ALA B 55 -13.66 7.05 15.64
N ASN B 56 -14.35 6.13 14.96
CA ASN B 56 -13.89 4.73 14.96
C ASN B 56 -13.82 4.11 13.55
N TYR B 57 -12.99 3.08 13.43
CA TYR B 57 -12.74 2.41 12.17
C TYR B 57 -12.54 0.94 12.50
N PHE B 58 -13.65 0.19 12.36
CA PHE B 58 -13.73 -1.23 12.71
C PHE B 58 -14.98 -2.02 12.20
N GLN B 59 -16.09 -1.35 11.90
CA GLN B 59 -17.35 -2.04 11.65
C GLN B 59 -17.89 -1.82 10.26
N HIS B 60 -18.69 -2.79 9.78
CA HIS B 60 -19.46 -2.66 8.51
C HIS B 60 -20.83 -2.08 8.75
N VAL B 61 -21.49 -1.67 7.67
CA VAL B 61 -22.77 -0.99 7.78
C VAL B 61 -23.84 -1.84 8.44
N PRO B 62 -23.99 -3.12 8.06
CA PRO B 62 -25.02 -3.91 8.74
C PRO B 62 -24.80 -4.01 10.25
N PHE B 63 -23.54 -4.17 10.66
CA PHE B 63 -23.19 -4.18 12.08
C PHE B 63 -23.60 -2.83 12.68
N PHE B 64 -23.15 -1.76 12.02
CA PHE B 64 -23.42 -0.37 12.46
C PHE B 64 -24.90 -0.09 12.66
N ASN B 65 -25.71 -0.48 11.68
CA ASN B 65 -27.17 -0.26 11.76
C ASN B 65 -27.81 -0.99 12.96
N GLU B 66 -27.42 -2.24 13.17
CA GLU B 66 -27.93 -3.02 14.29
C GLU B 66 -27.50 -2.39 15.61
N ALA B 67 -26.22 -1.98 15.69
CA ALA B 67 -25.63 -1.34 16.86
C ALA B 67 -26.29 -0.03 17.22
N VAL B 68 -26.51 0.81 16.21
CA VAL B 68 -27.24 2.08 16.44
C VAL B 68 -28.67 1.84 16.93
N LYS B 69 -29.37 0.85 16.35
CA LYS B 69 -30.76 0.58 16.78
C LYS B 69 -30.80 -0.01 18.20
N GLU B 70 -29.89 -0.93 18.51
CA GLU B 70 -29.86 -1.61 19.84
C GLU B 70 -29.56 -0.65 20.95
N ASN B 71 -28.56 0.19 20.72
CA ASN B 71 -28.06 1.11 21.75
C ASN B 71 -28.57 2.53 21.72
N ASP B 72 -29.44 2.88 20.75
CA ASP B 72 -29.89 4.25 20.54
C ASP B 72 -28.67 5.18 20.37
N TYR B 73 -27.63 4.73 19.65
CA TYR B 73 -26.40 5.54 19.47
C TYR B 73 -26.69 6.60 18.44
N ASP B 74 -26.33 7.85 18.75
CA ASP B 74 -26.50 8.96 17.83
C ASP B 74 -25.20 9.17 17.03
N PHE B 75 -24.92 8.20 16.15
CA PHE B 75 -23.75 8.16 15.29
C PHE B 75 -24.08 8.37 13.82
N VAL B 76 -23.08 8.73 13.03
CA VAL B 76 -23.28 8.82 11.59
C VAL B 76 -22.18 8.06 10.90
N ASN B 77 -22.51 7.55 9.72
CA ASN B 77 -21.51 6.97 8.81
C ASN B 77 -20.81 8.09 8.01
N ALA B 78 -19.54 8.39 8.34
CA ALA B 78 -18.76 9.43 7.63
C ALA B 78 -18.06 8.86 6.39
N GLY B 79 -18.26 7.57 6.09
CA GLY B 79 -17.82 7.03 4.82
C GLY B 79 -17.27 5.61 4.82
N ALA B 80 -17.61 4.87 3.76
CA ALA B 80 -17.03 3.55 3.45
C ALA B 80 -15.53 3.68 3.00
N ILE B 81 -14.67 2.85 3.56
CA ILE B 81 -13.27 2.79 3.27
C ILE B 81 -12.83 1.45 2.63
N HIS B 82 -13.22 0.29 3.17
CA HIS B 82 -12.77 -1.00 2.56
C HIS B 82 -13.66 -2.17 2.82
N LEU B 83 -13.44 -3.26 2.07
CA LEU B 83 -14.19 -4.52 2.26
C LEU B 83 -13.26 -5.65 2.75
N GLU B 84 -13.78 -6.57 3.57
CA GLU B 84 -13.02 -7.76 4.01
C GLU B 84 -13.82 -9.02 3.62
N PRO B 85 -13.73 -9.43 2.35
CA PRO B 85 -14.43 -10.70 2.01
C PRO B 85 -14.13 -11.83 3.04
N VAL B 86 -15.19 -12.38 3.66
CA VAL B 86 -15.04 -13.30 4.78
C VAL B 86 -14.78 -14.77 4.37
N GLY B 87 -13.87 -15.42 5.09
CA GLY B 87 -13.52 -16.81 4.85
C GLY B 87 -14.06 -17.80 5.87
N LEU B 88 -14.28 -19.03 5.40
CA LEU B 88 -14.37 -20.22 6.27
C LEU B 88 -12.96 -20.82 6.36
N TYR B 89 -12.52 -21.16 7.57
CA TYR B 89 -11.17 -21.66 7.79
C TYR B 89 -11.23 -23.04 8.47
N SER B 90 -10.26 -23.90 8.16
CA SER B 90 -10.19 -25.21 8.80
C SER B 90 -8.77 -25.71 8.76
N LYS B 91 -8.30 -26.35 9.82
CA LYS B 91 -6.97 -27.03 9.73
C LYS B 91 -7.08 -28.44 9.22
N LYS B 92 -8.30 -28.95 9.09
CA LYS B 92 -8.54 -30.35 8.79
C LYS B 92 -8.87 -30.61 7.33
N TYR B 93 -9.63 -29.72 6.69
CA TYR B 93 -10.11 -29.98 5.32
C TYR B 93 -9.64 -28.90 4.39
N LYS B 94 -9.23 -29.34 3.19
CA LYS B 94 -8.76 -28.47 2.13
C LYS B 94 -9.93 -27.87 1.35
N SER B 95 -11.12 -28.45 1.46
CA SER B 95 -12.31 -28.05 0.70
C SER B 95 -13.61 -28.32 1.47
N LEU B 96 -14.65 -27.50 1.23
CA LEU B 96 -15.94 -27.73 1.84
C LEU B 96 -16.52 -29.11 1.47
N GLN B 97 -16.20 -29.61 0.28
CA GLN B 97 -16.68 -30.93 -0.21
C GLN B 97 -16.22 -32.14 0.62
N GLU B 98 -15.06 -32.01 1.29
CA GLU B 98 -14.51 -33.08 2.17
C GLU B 98 -15.12 -33.14 3.57
N ILE B 99 -15.92 -32.16 3.98
CA ILE B 99 -16.45 -32.12 5.35
C ILE B 99 -17.43 -33.29 5.57
N PRO B 100 -17.24 -34.10 6.65
CA PRO B 100 -18.20 -35.18 6.87
C PRO B 100 -19.61 -34.66 7.18
N ASP B 101 -20.62 -35.43 6.76
CA ASP B 101 -21.98 -35.06 7.00
C ASP B 101 -22.19 -35.01 8.48
N GLY B 102 -23.03 -34.08 8.93
CA GLY B 102 -23.31 -33.92 10.39
C GLY B 102 -22.31 -33.04 11.08
N SER B 103 -21.32 -32.49 10.36
CA SER B 103 -20.27 -31.66 11.04
C SER B 103 -20.84 -30.30 11.47
N THR B 104 -20.17 -29.69 12.44
CA THR B 104 -20.53 -28.38 12.92
C THR B 104 -19.69 -27.32 12.29
N ILE B 105 -20.37 -26.24 11.88
CA ILE B 105 -19.75 -25.06 11.36
C ILE B 105 -19.90 -24.00 12.47
N TYR B 106 -18.77 -23.45 12.92
CA TYR B 106 -18.77 -22.38 13.91
C TYR B 106 -18.83 -21.01 13.29
N VAL B 107 -19.75 -20.18 13.79
CA VAL B 107 -19.86 -18.74 13.46
C VAL B 107 -20.02 -17.96 14.78
N SER B 108 -19.71 -16.66 14.75
CA SER B 108 -19.74 -15.82 15.93
C SER B 108 -21.17 -15.52 16.24
N SER B 109 -21.38 -14.93 17.38
CA SER B 109 -22.71 -14.48 17.79
C SER B 109 -23.09 -13.12 17.18
N SER B 110 -22.28 -12.57 16.28
CA SER B 110 -22.65 -11.32 15.62
C SER B 110 -23.60 -11.64 14.47
N VAL B 111 -24.89 -11.46 14.72
CA VAL B 111 -25.95 -11.88 13.80
C VAL B 111 -25.85 -11.31 12.38
N SER B 112 -25.28 -10.09 12.22
CA SER B 112 -25.17 -9.43 10.92
C SER B 112 -24.13 -10.10 9.97
N ASP B 113 -23.28 -11.01 10.49
CA ASP B 113 -22.43 -11.86 9.71
C ASP B 113 -23.06 -13.22 9.33
N TRP B 114 -24.19 -13.60 9.95
CA TRP B 114 -24.86 -14.91 9.65
C TRP B 114 -25.20 -15.10 8.18
N PRO B 115 -25.69 -14.05 7.53
CA PRO B 115 -25.95 -14.29 6.10
C PRO B 115 -24.72 -14.62 5.24
N ARG B 116 -23.54 -14.23 5.72
CA ARG B 116 -22.31 -14.36 4.93
C ARG B 116 -21.93 -15.83 4.90
N VAL B 117 -22.08 -16.55 6.02
CA VAL B 117 -21.82 -17.96 6.02
C VAL B 117 -22.79 -18.67 5.10
N LEU B 118 -24.01 -18.15 5.06
CA LEU B 118 -25.08 -18.76 4.30
C LEU B 118 -24.83 -18.61 2.83
N THR B 119 -24.46 -17.41 2.39
CA THR B 119 -24.06 -17.22 0.97
C THR B 119 -22.84 -18.08 0.53
N ILE B 120 -21.84 -18.26 1.42
CA ILE B 120 -20.70 -19.12 1.10
C ILE B 120 -21.12 -20.57 0.84
N LEU B 121 -21.93 -21.12 1.74
CA LEU B 121 -22.39 -22.50 1.62
C LEU B 121 -23.36 -22.71 0.42
N GLU B 122 -24.20 -21.70 0.13
CA GLU B 122 -25.06 -21.71 -1.03
C GLU B 122 -24.22 -21.70 -2.34
N ASP B 123 -23.25 -20.82 -2.39
CA ASP B 123 -22.30 -20.74 -3.54
C ASP B 123 -21.56 -22.04 -3.76
N ALA B 124 -21.20 -22.75 -2.68
CA ALA B 124 -20.48 -24.01 -2.78
C ALA B 124 -21.43 -25.16 -3.12
N GLY B 125 -22.73 -24.89 -3.16
CA GLY B 125 -23.69 -25.90 -3.47
C GLY B 125 -23.99 -26.85 -2.34
N LEU B 126 -23.67 -26.46 -1.11
CA LEU B 126 -23.90 -27.32 0.05
C LEU B 126 -25.28 -27.05 0.73
N ILE B 127 -25.82 -25.85 0.56
CA ILE B 127 -27.18 -25.53 1.02
C ILE B 127 -27.91 -24.80 -0.10
N THR B 128 -29.21 -24.72 -0.05
CA THR B 128 -29.94 -23.78 -0.87
C THR B 128 -30.74 -22.90 0.12
N LEU B 129 -30.94 -21.64 -0.24
CA LEU B 129 -31.80 -20.74 0.52
C LEU B 129 -33.12 -20.66 -0.21
N LYS B 130 -34.22 -20.54 0.52
CA LYS B 130 -35.57 -20.45 -0.10
C LYS B 130 -35.67 -19.35 -1.17
N GLU B 131 -36.52 -19.57 -2.16
CA GLU B 131 -36.70 -18.64 -3.27
C GLU B 131 -37.19 -17.28 -2.76
N GLY B 132 -36.57 -16.20 -3.23
CA GLY B 132 -37.00 -14.87 -2.87
C GLY B 132 -36.55 -14.31 -1.52
N VAL B 133 -35.59 -14.96 -0.85
CA VAL B 133 -35.00 -14.43 0.40
C VAL B 133 -33.81 -13.48 0.08
N ASP B 134 -33.68 -12.34 0.76
CA ASP B 134 -32.53 -11.45 0.55
C ASP B 134 -31.27 -12.06 1.17
N ARG B 135 -30.27 -12.40 0.34
CA ARG B 135 -29.01 -12.98 0.82
C ARG B 135 -28.23 -12.10 1.74
N THR B 136 -28.54 -10.82 1.80
CA THR B 136 -27.85 -9.95 2.74
C THR B 136 -28.55 -9.95 4.10
N THR B 137 -29.73 -10.56 4.21
CA THR B 137 -30.48 -10.61 5.48
C THR B 137 -31.01 -12.03 5.81
N ALA B 138 -30.46 -13.08 5.18
CA ALA B 138 -30.90 -14.47 5.39
C ALA B 138 -30.48 -15.02 6.78
N THR B 139 -31.32 -15.82 7.43
CA THR B 139 -30.92 -16.51 8.65
C THR B 139 -31.14 -18.00 8.42
N PHE B 140 -30.85 -18.81 9.45
CA PHE B 140 -30.87 -20.30 9.30
C PHE B 140 -32.24 -20.89 8.96
N ASP B 141 -33.31 -20.23 9.40
CA ASP B 141 -34.65 -20.63 9.06
C ASP B 141 -34.95 -20.46 7.54
N ASP B 142 -34.14 -19.67 6.84
CA ASP B 142 -34.28 -19.52 5.40
C ASP B 142 -33.65 -20.64 4.57
N ILE B 143 -32.96 -21.59 5.22
CA ILE B 143 -32.33 -22.74 4.55
C ILE B 143 -33.41 -23.65 3.99
N ASP B 144 -33.30 -23.98 2.70
CA ASP B 144 -34.18 -24.93 2.06
C ASP B 144 -33.49 -26.34 2.14
N LYS B 145 -32.53 -26.65 1.27
CA LYS B 145 -31.80 -27.97 1.36
C LYS B 145 -30.52 -27.86 2.20
N ASN B 146 -30.29 -28.80 3.11
CA ASN B 146 -29.03 -28.87 3.88
C ASN B 146 -28.47 -30.28 3.63
N THR B 147 -27.72 -30.40 2.53
CA THR B 147 -27.43 -31.73 1.95
C THR B 147 -26.50 -32.56 2.83
N LYS B 148 -25.48 -31.91 3.36
CA LYS B 148 -24.54 -32.58 4.23
C LYS B 148 -25.03 -32.55 5.70
N LYS B 149 -26.28 -32.11 5.94
CA LYS B 149 -26.83 -32.08 7.29
C LYS B 149 -25.88 -31.38 8.28
N LEU B 150 -25.39 -30.24 7.88
CA LEU B 150 -24.51 -29.45 8.75
C LEU B 150 -25.26 -28.79 9.93
N LYS B 151 -24.58 -28.74 11.07
CA LYS B 151 -25.07 -28.06 12.29
C LYS B 151 -24.32 -26.72 12.38
N PHE B 152 -24.96 -25.72 12.95
CA PHE B 152 -24.34 -24.43 13.21
C PHE B 152 -24.25 -24.14 14.72
N ASN B 153 -23.08 -23.68 15.15
CA ASN B 153 -22.89 -23.12 16.50
C ASN B 153 -22.54 -21.63 16.32
N HIS B 154 -23.37 -20.77 16.94
CA HIS B 154 -23.26 -19.32 16.89
C HIS B 154 -23.14 -18.67 18.24
N GLU B 155 -22.50 -19.35 19.20
CA GLU B 155 -22.40 -18.86 20.58
C GLU B 155 -21.23 -17.94 20.86
N SER B 156 -20.14 -18.09 20.12
CA SER B 156 -18.87 -17.51 20.52
C SER B 156 -18.71 -16.08 20.07
N ASP B 157 -17.80 -15.38 20.74
CA ASP B 157 -17.54 -13.97 20.48
C ASP B 157 -16.75 -13.94 19.18
N PRO B 158 -16.96 -12.93 18.36
CA PRO B 158 -16.11 -12.78 17.17
C PRO B 158 -14.60 -12.77 17.46
N ALA B 159 -14.21 -12.22 18.62
CA ALA B 159 -12.80 -12.19 19.02
C ALA B 159 -12.20 -13.56 19.40
N ILE B 160 -12.97 -14.64 19.51
CA ILE B 160 -12.36 -15.96 19.80
C ILE B 160 -12.41 -16.98 18.67
N MSE B 161 -12.93 -16.57 17.53
CA MSE B 161 -13.08 -17.48 16.39
C MSE B 161 -11.73 -18.07 16.01
O MSE B 161 -11.68 -19.26 15.61
CB MSE B 161 -13.75 -16.76 15.21
CG MSE B 161 -15.13 -16.17 15.54
SE MSE B 161 -16.35 -17.42 16.46
CE MSE B 161 -16.55 -18.50 15.00
N THR B 162 -10.64 -17.31 16.13
CA THR B 162 -9.31 -17.84 15.77
C THR B 162 -8.87 -18.95 16.79
N THR B 163 -9.37 -18.92 18.02
CA THR B 163 -9.07 -19.98 18.98
C THR B 163 -9.81 -21.26 18.63
N LEU B 164 -11.06 -21.14 18.20
CA LEU B 164 -11.86 -22.31 17.75
C LEU B 164 -11.17 -23.02 16.56
N TYR B 165 -10.68 -22.23 15.62
CA TYR B 165 -9.93 -22.73 14.45
C TYR B 165 -8.64 -23.40 14.89
N ASP B 166 -7.94 -22.74 15.80
CA ASP B 166 -6.70 -23.25 16.32
C ASP B 166 -6.83 -24.57 17.07
N ASN B 167 -7.95 -24.74 17.77
CA ASN B 167 -8.25 -25.99 18.51
C ASN B 167 -9.04 -27.03 17.72
N GLU B 168 -9.18 -26.81 16.41
CA GLU B 168 -9.83 -27.75 15.50
C GLU B 168 -11.28 -28.06 15.90
N GLU B 169 -11.98 -27.07 16.47
CA GLU B 169 -13.37 -27.22 16.91
C GLU B 169 -14.24 -27.09 15.68
N GLY B 170 -15.03 -28.12 15.41
CA GLY B 170 -15.84 -28.15 14.23
C GLY B 170 -15.03 -28.40 12.97
N ALA B 171 -15.77 -28.56 11.89
CA ALA B 171 -15.19 -28.83 10.57
C ALA B 171 -14.57 -27.55 9.98
N ALA B 172 -15.20 -26.39 10.22
CA ALA B 172 -14.73 -25.11 9.71
C ALA B 172 -15.30 -23.97 10.53
N VAL B 173 -14.61 -22.83 10.44
CA VAL B 173 -14.89 -21.64 11.28
C VAL B 173 -14.92 -20.37 10.43
N LEU B 174 -15.99 -19.57 10.59
CA LEU B 174 -16.12 -18.26 9.94
C LEU B 174 -15.33 -17.23 10.79
N ILE B 175 -14.27 -16.64 10.22
CA ILE B 175 -13.41 -15.68 10.95
C ILE B 175 -13.39 -14.37 10.19
N ASN B 176 -13.79 -13.31 10.87
CA ASN B 176 -13.63 -11.93 10.25
C ASN B 176 -12.15 -11.66 9.88
N SER B 177 -11.92 -11.07 8.71
CA SER B 177 -10.56 -10.96 8.21
C SER B 177 -9.63 -10.16 9.11
N ASN B 178 -10.16 -9.17 9.84
CA ASN B 178 -9.32 -8.39 10.77
C ASN B 178 -8.68 -9.29 11.86
N PHE B 179 -9.43 -10.24 12.40
CA PHE B 179 -8.85 -11.22 13.32
C PHE B 179 -7.96 -12.23 12.59
N ALA B 180 -8.42 -12.70 11.42
CA ALA B 180 -7.67 -13.69 10.62
C ALA B 180 -6.30 -13.14 10.26
N VAL B 181 -6.28 -11.91 9.74
CA VAL B 181 -5.02 -11.29 9.34
C VAL B 181 -4.12 -11.06 10.57
N ASP B 182 -4.69 -10.62 11.69
CA ASP B 182 -3.88 -10.36 12.91
C ASP B 182 -3.18 -11.61 13.45
N GLN B 183 -3.78 -12.79 13.27
CA GLN B 183 -3.18 -14.05 13.69
C GLN B 183 -2.33 -14.72 12.62
N GLY B 184 -2.16 -14.08 11.47
CA GLY B 184 -1.29 -14.58 10.41
C GLY B 184 -1.97 -15.38 9.33
N LEU B 185 -3.31 -15.41 9.32
CA LEU B 185 -4.06 -16.12 8.30
C LEU B 185 -4.32 -15.16 7.14
N ASN B 186 -4.12 -15.63 5.92
CA ASN B 186 -4.40 -14.88 4.70
C ASN B 186 -5.71 -15.42 4.07
N PRO B 187 -6.74 -14.57 3.93
CA PRO B 187 -8.00 -15.08 3.36
C PRO B 187 -7.86 -15.63 1.97
N LYS B 188 -6.98 -15.03 1.16
CA LYS B 188 -6.74 -15.51 -0.19
C LYS B 188 -5.90 -16.76 -0.26
N LYS B 189 -5.25 -17.15 0.83
CA LYS B 189 -4.39 -18.37 0.86
C LYS B 189 -4.90 -19.47 1.77
N ASP B 190 -5.44 -19.10 2.91
CA ASP B 190 -5.78 -20.09 3.97
C ASP B 190 -7.23 -20.49 4.02
N ALA B 191 -8.13 -19.59 3.61
CA ALA B 191 -9.56 -19.90 3.71
C ALA B 191 -9.90 -21.05 2.71
N ILE B 192 -10.74 -21.96 3.13
CA ILE B 192 -11.19 -23.04 2.23
C ILE B 192 -12.37 -22.59 1.35
N ALA B 193 -13.01 -21.49 1.71
CA ALA B 193 -14.01 -20.85 0.85
C ALA B 193 -14.04 -19.38 1.23
N LEU B 194 -14.29 -18.53 0.23
CA LEU B 194 -14.31 -17.09 0.47
C LEU B 194 -15.67 -16.50 0.03
N GLU B 195 -16.20 -15.51 0.76
CA GLU B 195 -17.41 -14.76 0.30
C GLU B 195 -17.23 -14.22 -1.16
N LYS B 196 -18.18 -14.46 -2.04
CA LYS B 196 -18.04 -14.02 -3.47
C LYS B 196 -18.32 -12.50 -3.64
N GLU B 197 -19.31 -11.98 -2.89
CA GLU B 197 -19.88 -10.62 -3.02
C GLU B 197 -19.97 -9.95 -1.63
N SER B 198 -18.98 -9.09 -1.38
CA SER B 198 -18.82 -8.48 -0.07
CA SER B 198 -18.78 -8.45 -0.08
C SER B 198 -19.20 -6.97 0.00
N SER B 199 -19.69 -6.37 -1.09
CA SER B 199 -20.03 -4.91 -1.09
C SER B 199 -21.01 -4.44 -0.01
N PRO B 200 -21.97 -5.31 0.42
CA PRO B 200 -22.77 -4.83 1.56
C PRO B 200 -21.98 -4.64 2.89
N TYR B 201 -20.76 -5.17 2.97
CA TYR B 201 -20.00 -5.23 4.22
C TYR B 201 -18.76 -4.29 4.23
N ALA B 202 -18.94 -3.11 3.66
CA ALA B 202 -17.91 -2.07 3.71
C ALA B 202 -17.65 -1.59 5.13
N ASN B 203 -16.38 -1.60 5.53
CA ASN B 203 -15.97 -1.02 6.81
C ASN B 203 -15.93 0.52 6.75
N ILE B 204 -16.54 1.16 7.74
CA ILE B 204 -16.76 2.59 7.72
C ILE B 204 -15.97 3.36 8.78
N ILE B 205 -15.88 4.68 8.60
CA ILE B 205 -15.51 5.61 9.65
C ILE B 205 -16.85 6.05 10.25
N ALA B 206 -17.02 5.82 11.55
CA ALA B 206 -18.19 6.28 12.28
C ALA B 206 -17.83 7.39 13.25
N VAL B 207 -18.71 8.38 13.40
CA VAL B 207 -18.50 9.50 14.32
C VAL B 207 -19.82 9.87 14.96
N ARG B 208 -19.77 10.72 16.00
CA ARG B 208 -20.99 11.24 16.63
C ARG B 208 -21.61 12.25 15.69
N LYS B 209 -22.94 12.30 15.72
CA LYS B 209 -23.68 13.14 14.80
C LYS B 209 -23.21 14.59 14.81
N GLU B 210 -22.85 15.14 15.98
CA GLU B 210 -22.38 16.54 16.02
C GLU B 210 -21.03 16.77 15.32
N ASP B 211 -20.24 15.70 15.12
CA ASP B 211 -18.97 15.79 14.40
C ASP B 211 -19.12 15.40 12.91
N GLU B 212 -20.36 15.20 12.46
CA GLU B 212 -20.67 14.91 11.06
C GLU B 212 -19.95 15.81 10.02
N ASN B 213 -19.73 17.09 10.32
CA ASN B 213 -19.00 18.01 9.43
C ASN B 213 -17.63 18.46 10.00
N ASN B 214 -17.09 17.72 10.95
CA ASN B 214 -15.77 17.99 11.53
C ASN B 214 -14.68 17.99 10.43
N GLU B 215 -13.95 19.11 10.30
CA GLU B 215 -12.91 19.26 9.25
C GLU B 215 -11.82 18.18 9.35
N ASN B 216 -11.47 17.78 10.57
CA ASN B 216 -10.46 16.73 10.77
C ASN B 216 -10.96 15.36 10.28
N VAL B 217 -12.25 15.07 10.52
CA VAL B 217 -12.88 13.83 10.05
C VAL B 217 -12.97 13.81 8.52
N LYS B 218 -13.38 14.91 7.90
CA LYS B 218 -13.42 14.99 6.44
C LYS B 218 -12.02 14.79 5.80
N LYS B 219 -10.98 15.40 6.38
CA LYS B 219 -9.60 15.26 5.88
C LYS B 219 -9.15 13.76 5.97
N LEU B 220 -9.55 13.06 7.03
CA LEU B 220 -9.28 11.62 7.20
C LEU B 220 -9.94 10.76 6.12
N VAL B 221 -11.25 10.98 5.89
CA VAL B 221 -12.00 10.19 4.87
C VAL B 221 -11.45 10.42 3.49
N LYS B 222 -11.08 11.68 3.18
CA LYS B 222 -10.54 12.00 1.85
C LYS B 222 -9.21 11.29 1.57
N VAL B 223 -8.31 11.31 2.55
CA VAL B 223 -7.00 10.61 2.49
C VAL B 223 -7.14 9.07 2.39
N LEU B 224 -7.96 8.48 3.25
CA LEU B 224 -8.26 7.05 3.19
C LEU B 224 -8.85 6.54 1.85
N ARG B 225 -9.54 7.42 1.11
CA ARG B 225 -10.11 7.09 -0.20
C ARG B 225 -9.29 7.57 -1.42
N SER B 226 -8.19 8.27 -1.19
CA SER B 226 -7.31 8.68 -2.28
C SER B 226 -6.63 7.48 -2.97
N LYS B 227 -6.28 7.67 -4.24
CA LYS B 227 -5.71 6.62 -5.08
C LYS B 227 -4.41 6.04 -4.51
N GLU B 228 -3.52 6.92 -4.04
CA GLU B 228 -2.24 6.48 -3.45
C GLU B 228 -2.52 5.56 -2.28
N VAL B 229 -3.43 5.95 -1.40
CA VAL B 229 -3.75 5.12 -0.22
C VAL B 229 -4.47 3.82 -0.57
N GLN B 230 -5.42 3.87 -1.51
CA GLN B 230 -6.16 2.66 -1.88
C GLN B 230 -5.20 1.61 -2.54
N ASP B 231 -4.27 2.08 -3.38
CA ASP B 231 -3.27 1.20 -3.96
C ASP B 231 -2.37 0.62 -2.93
N TRP B 232 -2.02 1.43 -1.95
CA TRP B 232 -1.22 0.97 -0.82
C TRP B 232 -1.96 -0.15 -0.13
N ILE B 233 -3.23 0.05 0.19
CA ILE B 233 -4.04 -0.97 0.86
C ILE B 233 -4.08 -2.31 0.05
N THR B 234 -4.43 -2.21 -1.22
CA THR B 234 -4.38 -3.33 -2.14
C THR B 234 -3.02 -4.10 -2.17
N LYS B 235 -1.91 -3.37 -2.29
CA LYS B 235 -0.56 -4.02 -2.29
C LYS B 235 -0.20 -4.68 -0.94
N LYS B 236 -0.55 -4.03 0.16
CA LYS B 236 -0.14 -4.44 1.49
C LYS B 236 -0.66 -5.84 1.84
N TRP B 237 -1.94 -6.09 1.62
CA TRP B 237 -2.60 -7.38 1.91
C TRP B 237 -2.96 -8.17 0.62
N ASN B 238 -2.31 -7.83 -0.51
CA ASN B 238 -2.41 -8.55 -1.79
C ASN B 238 -3.87 -8.82 -2.25
N GLY B 239 -4.74 -7.85 -2.05
CA GLY B 239 -6.13 -7.98 -2.47
C GLY B 239 -7.09 -8.59 -1.46
N ALA B 240 -6.60 -9.07 -0.31
CA ALA B 240 -7.48 -9.60 0.73
C ALA B 240 -8.30 -8.49 1.38
N ILE B 241 -7.77 -7.27 1.34
CA ILE B 241 -8.46 -6.11 1.84
C ILE B 241 -8.78 -5.30 0.63
N VAL B 242 -10.07 -5.04 0.39
CA VAL B 242 -10.52 -4.41 -0.89
C VAL B 242 -10.97 -2.97 -0.67
N PRO B 243 -10.25 -1.96 -1.22
CA PRO B 243 -10.73 -0.54 -1.14
C PRO B 243 -12.08 -0.30 -1.83
N VAL B 244 -12.92 0.54 -1.25
CA VAL B 244 -14.32 0.71 -1.70
C VAL B 244 -14.41 1.68 -2.84
N MSE C . 16.16 8.75 -9.76
CA MSE C . 16.00 7.42 -9.17
C MSE C . 14.71 6.70 -9.67
O MSE C . 13.68 7.32 -9.71
OXT MSE C . 14.69 5.48 -9.98
CB MSE C . 16.00 7.50 -7.59
CG MSE C . 16.19 6.12 -6.94
SE MSE C . 15.92 6.25 -4.93
CE MSE C . 17.60 7.18 -4.38
CL CL D . 3.50 15.74 -3.24
C1 PGE E . 3.91 18.13 1.59
O1 PGE E . 4.04 19.55 1.42
C2 PGE E . 3.90 17.44 0.21
O2 PGE E . 3.91 16.00 0.23
C3 PGE E . 3.60 15.34 1.49
C4 PGE E . 3.52 13.83 1.30
O4 PGE E . 6.41 10.95 2.76
C6 PGE E . 5.04 10.99 3.12
C5 PGE E . 4.32 11.73 2.02
O3 PGE E . 4.11 13.09 2.40
C1 PEG F . 0.70 28.05 -6.05
O1 PEG F . 0.33 27.80 -4.69
C2 PEG F . -0.21 27.18 -6.90
O2 PEG F . 0.33 26.88 -8.21
C3 PEG F . 1.10 25.68 -8.33
C4 PEG F . 2.31 26.01 -9.20
O4 PEG F . 2.87 24.85 -9.85
N MSE G . -13.74 -6.01 9.75
CA MSE G . -14.87 -6.88 10.06
C MSE G . -15.44 -7.31 8.75
O MSE G . -15.43 -6.48 7.83
OXT MSE G . -15.87 -8.47 8.57
CB MSE G . -15.93 -6.12 10.88
CG MSE G . -17.23 -6.90 11.28
SE MSE G . -18.63 -5.73 11.95
CE MSE G . -17.53 -5.23 13.50
C1 PEG H . -5.46 -24.37 3.48
O1 PEG H . -5.00 -24.31 2.13
C2 PEG H . -6.48 -25.49 3.66
O2 PEG H . -6.31 -26.04 4.98
C3 PEG H . -6.44 -27.45 5.19
C4 PEG H . -5.11 -28.02 5.64
O4 PEG H . -5.03 -29.36 5.15
O1 PE8 I . 0.85 3.10 -4.98
C2 PE8 I . 0.74 3.43 -3.59
C3 PE8 I . 1.96 3.30 -2.69
O4 PE8 I . 2.85 2.28 -3.10
C5 PE8 I . 3.82 2.07 -2.10
C6 PE8 I . 4.93 1.11 -2.51
O7 PE8 I . 4.52 0.21 -3.53
C8 PE8 I . 5.66 -0.45 -4.04
C9 PE8 I . 5.27 -1.23 -5.28
O10 PE8 I . 4.64 -0.42 -6.27
C11 PE8 I . 4.50 -1.18 -7.47
C12 PE8 I . 3.58 -0.45 -8.44
O13 PE8 I . 2.33 -0.18 -7.87
C14 PE8 I . 1.46 0.68 -8.64
C15 PE8 I . 0.12 0.96 -7.91
O16 PE8 I . -0.46 -0.31 -7.49
C17 PE8 I . -1.87 -0.64 -7.70
C18 PE8 I . -2.17 -2.13 -8.00
O19 PE8 I . -1.42 -3.17 -7.31
C20 PE8 I . -0.71 -4.19 -8.09
C21 PE8 I . 0.80 -3.89 -8.25
O22 PE8 I . 1.66 -4.91 -7.66
C23 PE8 I . 3.03 -4.55 -7.37
C24 PE8 I . 4.00 -5.70 -7.07
O25 PE8 I . 5.20 -5.36 -6.32
#